data_2E9R
#
_entry.id   2E9R
#
_cell.length_a   94.094
_cell.length_b   94.094
_cell.length_c   99.285
_cell.angle_alpha   90.00
_cell.angle_beta   90.00
_cell.angle_gamma   120.00
#
_symmetry.space_group_name_H-M   'P 32 2 1'
#
loop_
_entity.id
_entity.type
_entity.pdbx_description
1 polymer "5'-R(*CP*AP*UP*GP*GP*GP*CP*CP*C)-3'"
2 polymer "5'-R(*CP*CP*C*GP*GP*GP*CP*CP*C)-3'"
3 polymer 'RNA-dependent RNA polymerase'
4 non-polymer 'MAGNESIUM ION'
5 non-polymer 'RIBAVIRIN TRIPHOSPHATE'
6 water water
#
loop_
_entity_poly.entity_id
_entity_poly.type
_entity_poly.pdbx_seq_one_letter_code
_entity_poly.pdbx_strand_id
1 'polyribonucleotide' CAUGGGCCC A
2 'polyribonucleotide' GGGCCC B
3 'polypeptide(L)'
;GLIVDTRDVEERVHVMRKTKLAPTVAHGVFNPEFGPAALSNKDPRLNEGVVLDEVIFSKHKGDTKMSAEDKALFRRCAAD
YASRLHSVLGTANAPLSIYEAIKGVDGLDAMEPDTAPGLPWALQGKRRGALIDFENGTVGPEVEAALKLMEKREYKFACQ
TFLKDEIRPMEKVRAGKTRIVDVLPVEHILYTRMMIGRFCAQMHSNNGPQIGSAVGCNPDVDWQRFGTHFAQYRNVWDVD
YSAFDANHCSDAMNIMFEEVFRTEFGFHPNAEWILKTLVNTEHAYENKRITVEGGMPSGCSATSIINTILNNIYVLYALR
RHYEGVELDTYTMISYGDDIVVASDYDLDFEALKPHFKSLGQTITPADKSDKGFVLGHSITDVTFLKRHFHMDYGTGFYK
PVMASKTLEAILSFARRGTIQEKLISVAGLAVHSGPDEYRRLFEPFQGLFEIPSYRSLYLRWVNAVCGDAAALEHH
;
X
#
# COMPACT_ATOMS: atom_id res chain seq x y z
N GLY C 1 1.86 14.30 -9.26
CA GLY C 1 0.85 15.32 -9.73
C GLY C 1 1.39 16.74 -9.79
N LEU C 2 0.92 17.53 -10.78
CA LEU C 2 1.28 18.96 -10.90
C LEU C 2 0.55 19.79 -9.92
N ILE C 3 1.33 20.64 -9.29
CA ILE C 3 0.79 21.70 -8.45
C ILE C 3 0.49 22.91 -9.34
N VAL C 4 -0.75 23.36 -9.30
CA VAL C 4 -1.05 24.69 -9.81
C VAL C 4 0.00 25.68 -9.23
N ASP C 5 0.08 25.69 -7.90
CA ASP C 5 0.97 26.51 -7.05
C ASP C 5 0.19 26.90 -5.76
N THR C 6 0.61 26.35 -4.61
CA THR C 6 0.03 26.66 -3.28
C THR C 6 -0.38 28.09 -2.89
N ARG C 7 -1.47 28.25 -2.14
CA ARG C 7 -1.82 29.56 -1.54
C ARG C 7 -1.60 29.76 -0.02
N ASP C 8 -1.78 31.00 0.41
CA ASP C 8 -1.93 31.36 1.84
C ASP C 8 -3.35 31.11 2.34
N VAL C 9 -3.50 30.77 3.60
CA VAL C 9 -4.84 30.77 4.19
C VAL C 9 -4.72 31.20 5.62
N GLU C 10 -5.78 31.79 6.16
CA GLU C 10 -5.76 32.22 7.56
C GLU C 10 -5.86 31.06 8.54
N GLU C 11 -6.68 30.06 8.25
CA GLU C 11 -6.70 28.89 9.13
C GLU C 11 -5.32 28.18 9.01
N ARG C 12 -4.87 27.52 10.08
CA ARG C 12 -3.51 26.88 10.17
C ARG C 12 -3.57 25.45 10.81
N VAL C 13 -3.33 24.41 9.99
CA VAL C 13 -3.57 23.02 10.39
C VAL C 13 -2.36 22.37 11.02
N HIS C 14 -2.36 22.38 12.35
CA HIS C 14 -1.26 21.79 13.10
C HIS C 14 -1.09 20.29 12.67
N VAL C 15 0.14 19.80 12.84
CA VAL C 15 0.53 18.38 12.66
C VAL C 15 1.88 18.16 13.37
N MET C 16 2.93 18.82 12.83
CA MET C 16 4.33 18.79 13.36
C MET C 16 4.37 18.19 14.76
N ARG C 17 4.73 16.92 14.77
CA ARG C 17 4.64 16.12 15.97
C ARG C 17 6.00 16.20 16.65
N LYS C 18 6.08 15.44 17.72
CA LYS C 18 7.35 14.87 18.15
C LYS C 18 7.09 13.36 18.31
N THR C 19 8.07 12.59 17.91
CA THR C 19 7.82 11.19 17.74
C THR C 19 7.35 10.58 19.06
N LYS C 20 6.32 9.73 18.91
CA LYS C 20 5.84 8.86 19.97
C LYS C 20 6.74 7.64 20.06
N LEU C 21 7.64 7.48 19.08
CA LEU C 21 8.59 6.35 19.05
C LEU C 21 9.83 6.57 19.90
N ALA C 22 10.32 5.50 20.53
CA ALA C 22 11.44 5.65 21.44
C ALA C 22 12.39 4.45 21.47
N PRO C 23 13.70 4.69 21.64
CA PRO C 23 14.70 3.63 21.81
C PRO C 23 14.28 2.49 22.76
N THR C 24 14.85 1.30 22.60
CA THR C 24 14.57 0.15 23.49
C THR C 24 15.89 -0.37 24.04
N VAL C 25 15.83 -1.34 24.93
CA VAL C 25 17.09 -2.00 25.37
C VAL C 25 17.80 -2.69 24.20
N ALA C 26 17.07 -2.95 23.13
CA ALA C 26 17.68 -3.57 21.98
C ALA C 26 18.48 -2.55 21.27
N HIS C 27 17.99 -1.34 21.37
CA HIS C 27 18.53 -0.25 20.61
C HIS C 27 20.04 -0.11 20.70
N GLY C 28 20.53 -0.02 21.94
CA GLY C 28 21.95 0.04 22.20
C GLY C 28 22.79 -1.16 21.78
N VAL C 29 22.19 -2.34 21.71
CA VAL C 29 22.88 -3.56 21.21
C VAL C 29 23.06 -3.65 19.68
N PHE C 30 22.06 -3.18 18.95
CA PHE C 30 22.00 -3.39 17.53
C PHE C 30 22.55 -2.21 16.70
N ASN C 31 22.50 -0.99 17.28
CA ASN C 31 22.94 0.25 16.62
C ASN C 31 22.59 0.29 15.13
N PRO C 32 21.29 0.35 14.90
CA PRO C 32 20.72 0.22 13.55
C PRO C 32 20.83 1.52 12.74
N GLU C 33 21.03 1.41 11.41
CA GLU C 33 21.05 2.62 10.56
C GLU C 33 19.60 2.97 10.20
N PHE C 34 18.87 3.42 11.23
CA PHE C 34 17.42 3.56 11.24
C PHE C 34 16.94 4.43 12.36
N GLY C 35 16.22 5.50 12.05
CA GLY C 35 15.55 6.27 13.07
C GLY C 35 14.14 6.74 12.71
N PRO C 36 13.41 7.18 13.73
CA PRO C 36 12.11 7.83 13.57
C PRO C 36 12.19 8.86 12.52
N ALA C 37 11.18 9.03 11.69
CA ALA C 37 11.27 10.10 10.70
C ALA C 37 11.28 11.48 11.37
N ALA C 38 11.57 12.50 10.57
CA ALA C 38 11.49 13.87 11.04
C ALA C 38 10.02 14.30 11.13
N LEU C 39 9.60 14.86 12.28
CA LEU C 39 8.23 15.34 12.46
C LEU C 39 8.28 16.81 12.80
N SER C 40 9.30 17.46 12.22
CA SER C 40 9.72 18.82 12.53
C SER C 40 11.00 19.24 11.76
N ASN C 41 10.85 20.22 10.84
CA ASN C 41 11.98 20.88 10.16
C ASN C 41 12.93 21.56 11.12
N LYS C 42 12.54 21.64 12.39
CA LYS C 42 13.41 22.03 13.52
C LYS C 42 14.31 20.89 14.10
N ASP C 43 13.73 19.73 14.36
CA ASP C 43 14.50 18.50 14.65
C ASP C 43 16.00 18.59 14.26
N PRO C 44 16.90 18.63 15.25
CA PRO C 44 18.36 18.64 15.00
C PRO C 44 18.84 17.66 13.93
N ARG C 45 18.91 16.36 14.25
CA ARG C 45 19.52 15.31 13.40
C ARG C 45 19.60 15.72 11.94
N LEU C 46 18.43 15.81 11.33
CA LEU C 46 18.24 16.46 10.07
C LEU C 46 19.50 17.16 9.56
N ASN C 47 19.92 16.89 8.32
CA ASN C 47 20.90 17.77 7.67
C ASN C 47 20.48 19.24 7.81
N GLU C 48 21.46 20.14 8.04
CA GLU C 48 21.20 21.58 8.02
C GLU C 48 21.06 22.01 6.55
N GLY C 49 20.36 23.11 6.33
CA GLY C 49 19.93 23.47 4.99
C GLY C 49 18.82 22.53 4.49
N VAL C 50 17.86 22.23 5.36
CA VAL C 50 16.72 21.40 4.99
C VAL C 50 15.42 21.84 5.67
N VAL C 51 14.54 22.33 4.81
CA VAL C 51 13.25 22.74 5.25
C VAL C 51 12.46 21.50 5.01
N LEU C 52 12.03 20.84 6.06
CA LEU C 52 11.31 19.58 5.92
C LEU C 52 10.07 19.75 5.04
N ASP C 53 9.44 20.93 5.05
CA ASP C 53 8.23 21.13 4.24
C ASP C 53 8.47 21.20 2.72
N GLU C 54 9.73 21.30 2.31
CA GLU C 54 10.10 21.26 0.89
C GLU C 54 9.84 19.90 0.28
N VAL C 55 10.35 18.85 0.93
CA VAL C 55 10.51 17.54 0.28
C VAL C 55 9.17 16.86 0.19
N ILE C 56 8.47 16.80 1.30
CA ILE C 56 7.05 16.48 1.27
C ILE C 56 6.31 16.87 -0.04
N PHE C 57 6.75 17.95 -0.72
CA PHE C 57 6.12 18.39 -1.97
C PHE C 57 7.02 18.36 -3.17
N SER C 58 8.16 17.67 -3.01
CA SER C 58 9.13 17.43 -4.09
C SER C 58 8.84 16.11 -4.84
N LYS C 59 7.79 15.40 -4.42
CA LYS C 59 7.28 14.25 -5.14
C LYS C 59 6.25 14.71 -6.20
N HIS C 60 6.01 16.01 -6.31
CA HIS C 60 5.13 16.50 -7.37
C HIS C 60 5.90 17.14 -8.60
N LYS C 61 6.48 16.28 -9.45
CA LYS C 61 7.32 16.70 -10.58
C LYS C 61 6.49 17.00 -11.84
N GLY C 62 5.20 17.27 -11.67
CA GLY C 62 4.35 17.33 -12.83
C GLY C 62 3.41 16.14 -12.99
N ASP C 63 3.05 15.87 -14.24
CA ASP C 63 1.77 15.22 -14.50
C ASP C 63 1.68 14.84 -15.94
N THR C 64 2.65 14.09 -16.43
CA THR C 64 2.58 13.54 -17.79
C THR C 64 1.20 13.55 -18.52
N LYS C 65 1.09 14.30 -19.60
CA LYS C 65 -0.13 14.20 -20.40
C LYS C 65 0.08 13.08 -21.34
N MET C 66 -1.00 12.49 -21.87
CA MET C 66 -0.87 11.28 -22.70
C MET C 66 -1.41 11.48 -24.08
N SER C 67 -0.61 11.17 -25.07
CA SER C 67 -1.11 11.21 -26.43
C SER C 67 -2.50 10.63 -26.56
N ALA C 68 -3.19 11.02 -27.59
CA ALA C 68 -4.45 10.40 -27.86
C ALA C 68 -4.36 8.87 -28.19
N GLU C 69 -3.34 8.38 -28.89
CA GLU C 69 -3.21 6.92 -29.16
C GLU C 69 -2.73 6.10 -27.96
N ASP C 70 -2.22 6.76 -26.95
CA ASP C 70 -1.79 6.07 -25.76
C ASP C 70 -2.96 5.95 -24.86
N LYS C 71 -3.88 6.89 -24.94
CA LYS C 71 -5.09 6.87 -24.15
C LYS C 71 -6.01 5.73 -24.61
N ALA C 72 -5.89 5.34 -25.88
CA ALA C 72 -6.64 4.25 -26.48
C ALA C 72 -5.94 2.92 -26.14
N LEU C 73 -4.64 2.90 -26.30
CA LEU C 73 -3.88 1.76 -25.92
C LEU C 73 -4.21 1.50 -24.42
N PHE C 74 -4.14 2.54 -23.57
CA PHE C 74 -4.36 2.36 -22.13
C PHE C 74 -5.79 1.96 -21.86
N ARG C 75 -6.73 2.57 -22.54
CA ARG C 75 -8.12 2.21 -22.38
C ARG C 75 -8.33 0.72 -22.62
N ARG C 76 -7.77 0.22 -23.68
CA ARG C 76 -7.98 -1.16 -23.97
C ARG C 76 -7.46 -2.03 -22.82
N CYS C 77 -6.21 -1.86 -22.46
CA CYS C 77 -5.55 -2.60 -21.38
C CYS C 77 -6.36 -2.62 -20.06
N ALA C 78 -7.03 -1.50 -19.75
CA ALA C 78 -7.80 -1.35 -18.53
C ALA C 78 -9.11 -2.09 -18.60
N ALA C 79 -9.75 -2.02 -19.77
CA ALA C 79 -10.93 -2.84 -20.12
C ALA C 79 -10.57 -4.32 -20.22
N ASP C 80 -9.30 -4.61 -20.43
CA ASP C 80 -8.88 -6.01 -20.55
C ASP C 80 -8.59 -6.64 -19.24
N TYR C 81 -7.84 -5.93 -18.42
CA TYR C 81 -7.61 -6.39 -17.11
C TYR C 81 -8.95 -6.34 -16.37
N ALA C 82 -9.82 -5.40 -16.73
CA ALA C 82 -11.15 -5.32 -16.15
C ALA C 82 -11.99 -6.49 -16.54
N SER C 83 -11.84 -6.99 -17.77
CA SER C 83 -12.58 -8.15 -18.19
C SER C 83 -12.13 -9.28 -17.33
N ARG C 84 -10.83 -9.43 -17.19
CA ARG C 84 -10.27 -10.48 -16.33
C ARG C 84 -10.74 -10.37 -14.87
N LEU C 85 -10.62 -9.17 -14.35
CA LEU C 85 -10.96 -8.87 -13.01
C LEU C 85 -12.40 -9.31 -12.74
N HIS C 86 -13.36 -8.84 -13.51
CA HIS C 86 -14.74 -9.22 -13.22
C HIS C 86 -15.09 -10.60 -13.66
N SER C 87 -14.16 -11.25 -14.29
CA SER C 87 -14.42 -12.57 -14.75
C SER C 87 -14.26 -13.41 -13.51
N VAL C 88 -13.12 -13.25 -12.83
CA VAL C 88 -12.88 -13.92 -11.56
C VAL C 88 -13.81 -13.40 -10.37
N LEU C 89 -14.21 -12.12 -10.31
CA LEU C 89 -14.92 -11.58 -9.10
C LEU C 89 -16.44 -11.49 -9.21
N GLY C 90 -16.95 -11.72 -10.41
CA GLY C 90 -18.37 -11.57 -10.67
C GLY C 90 -18.67 -10.12 -10.69
N THR C 91 -19.97 -9.87 -10.84
CA THR C 91 -20.52 -8.58 -11.17
C THR C 91 -21.60 -8.20 -10.13
N ALA C 92 -21.45 -8.68 -8.91
CA ALA C 92 -22.31 -8.26 -7.80
C ALA C 92 -21.62 -7.16 -7.03
N ASN C 93 -21.77 -5.94 -7.52
CA ASN C 93 -21.10 -4.79 -6.96
C ASN C 93 -22.10 -3.68 -6.65
N ALA C 94 -23.24 -4.10 -6.18
CA ALA C 94 -24.24 -3.21 -5.61
C ALA C 94 -23.65 -2.41 -4.47
N PRO C 95 -24.19 -1.20 -4.27
CA PRO C 95 -23.83 -0.39 -3.12
C PRO C 95 -23.90 -1.16 -1.80
N LEU C 96 -23.10 -0.70 -0.87
CA LEU C 96 -22.98 -1.34 0.41
C LEU C 96 -23.90 -0.51 1.35
N SER C 97 -24.45 -1.18 2.36
CA SER C 97 -25.27 -0.52 3.38
C SER C 97 -24.48 0.21 4.44
N ILE C 98 -24.80 1.49 4.63
CA ILE C 98 -24.08 2.26 5.63
C ILE C 98 -23.76 1.36 6.79
N TYR C 99 -24.67 0.49 7.17
CA TYR C 99 -24.31 -0.53 8.18
C TYR C 99 -22.95 -1.32 7.84
N GLU C 100 -22.81 -2.00 6.68
CA GLU C 100 -21.50 -2.59 6.23
C GLU C 100 -20.29 -1.63 6.12
N ALA C 101 -20.44 -0.62 5.27
CA ALA C 101 -19.43 0.40 5.09
C ALA C 101 -18.76 0.70 6.43
N ILE C 102 -19.54 0.63 7.52
CA ILE C 102 -19.01 0.89 8.87
C ILE C 102 -18.57 -0.44 9.50
N LYS C 103 -19.40 -1.46 9.27
CA LYS C 103 -19.34 -2.75 9.96
C LYS C 103 -18.43 -3.78 9.27
N GLY C 104 -18.65 -3.96 7.96
CA GLY C 104 -17.74 -4.72 7.11
C GLY C 104 -18.22 -6.13 6.82
N VAL C 105 -18.39 -6.41 5.54
CA VAL C 105 -18.61 -7.77 5.04
C VAL C 105 -17.43 -8.68 5.37
N ASP C 106 -17.56 -9.92 4.89
CA ASP C 106 -16.59 -10.97 5.10
C ASP C 106 -15.35 -10.88 4.19
N GLY C 107 -14.42 -10.01 4.58
CA GLY C 107 -13.35 -9.62 3.71
C GLY C 107 -13.14 -8.11 3.66
N LEU C 108 -14.06 -7.34 4.24
CA LEU C 108 -13.83 -5.91 4.44
C LEU C 108 -13.85 -5.59 5.91
N ASP C 109 -12.66 -5.56 6.51
CA ASP C 109 -12.52 -5.11 7.90
C ASP C 109 -13.39 -3.88 8.14
N ALA C 110 -13.98 -3.79 9.32
CA ALA C 110 -14.73 -2.60 9.75
C ALA C 110 -13.90 -1.32 9.59
N MET C 111 -14.55 -0.15 9.56
CA MET C 111 -13.82 1.10 9.63
C MET C 111 -13.27 1.21 11.03
N GLU C 112 -12.07 1.73 11.20
CA GLU C 112 -11.49 1.86 12.54
C GLU C 112 -12.13 3.02 13.35
N PRO C 113 -12.26 2.81 14.67
CA PRO C 113 -12.92 3.74 15.63
C PRO C 113 -12.25 5.09 15.98
N ASP C 114 -11.08 5.01 16.59
CA ASP C 114 -10.40 6.13 17.26
C ASP C 114 -9.53 6.96 16.28
N THR C 115 -9.82 6.77 15.00
CA THR C 115 -9.02 7.29 13.88
C THR C 115 -9.34 8.75 13.53
N ALA C 116 -8.33 9.53 13.12
CA ALA C 116 -8.55 10.91 12.67
C ALA C 116 -9.77 11.02 11.74
N PRO C 117 -10.41 12.18 11.71
CA PRO C 117 -11.63 12.34 10.94
C PRO C 117 -11.49 13.18 9.69
N GLY C 118 -10.31 13.69 9.39
CA GLY C 118 -10.19 14.59 8.25
C GLY C 118 -10.91 15.90 8.49
N LEU C 119 -11.24 16.60 7.42
CA LEU C 119 -11.74 17.95 7.53
C LEU C 119 -13.24 18.11 7.23
N PRO C 120 -13.83 19.17 7.80
CA PRO C 120 -13.23 19.91 8.92
C PRO C 120 -13.54 19.38 10.32
N TRP C 121 -13.72 18.09 10.50
CA TRP C 121 -14.05 17.69 11.86
C TRP C 121 -12.87 17.93 12.90
N ALA C 122 -11.67 18.22 12.40
CA ALA C 122 -10.56 18.58 13.31
C ALA C 122 -10.24 20.08 13.30
N LEU C 123 -11.05 20.88 12.61
CA LEU C 123 -10.95 22.35 12.62
C LEU C 123 -12.03 22.96 13.50
N GLN C 124 -12.53 22.09 14.37
CA GLN C 124 -13.82 22.18 15.02
C GLN C 124 -13.88 21.10 16.13
N GLY C 125 -12.72 20.63 16.60
CA GLY C 125 -12.68 19.60 17.62
C GLY C 125 -13.89 18.66 17.62
N LYS C 126 -13.69 17.47 17.05
CA LYS C 126 -14.63 16.33 17.07
C LYS C 126 -13.80 15.14 16.57
N ARG C 127 -13.94 13.97 17.20
CA ARG C 127 -13.32 12.73 16.73
C ARG C 127 -14.46 11.96 16.02
N ARG C 128 -14.21 10.71 15.55
CA ARG C 128 -15.20 9.93 14.72
C ARG C 128 -16.29 9.20 15.52
N GLY C 129 -16.06 9.07 16.84
CA GLY C 129 -17.13 8.74 17.76
C GLY C 129 -18.25 9.79 17.88
N ALA C 130 -18.13 10.95 17.19
CA ALA C 130 -19.10 12.06 17.30
C ALA C 130 -19.91 12.25 16.04
N LEU C 131 -19.65 11.47 15.01
CA LEU C 131 -20.49 11.50 13.81
C LEU C 131 -20.94 10.15 13.33
N ILE C 132 -20.40 9.11 13.96
CA ILE C 132 -20.71 7.71 13.63
C ILE C 132 -20.65 6.88 14.91
N ASP C 133 -21.51 5.87 15.00
CA ASP C 133 -21.45 4.93 16.11
C ASP C 133 -20.57 3.73 15.77
N PHE C 134 -19.30 3.95 15.42
CA PHE C 134 -18.39 2.84 15.08
C PHE C 134 -18.99 1.44 15.34
N GLU C 135 -19.08 0.99 16.59
CA GLU C 135 -19.53 -0.37 16.93
C GLU C 135 -21.05 -0.54 17.04
N ASN C 136 -21.83 0.49 16.79
CA ASN C 136 -23.25 0.31 16.39
C ASN C 136 -23.47 0.59 14.88
N GLY C 137 -22.37 0.89 14.19
CA GLY C 137 -22.39 1.39 12.84
C GLY C 137 -23.51 2.36 12.54
N THR C 138 -23.37 3.64 12.87
CA THR C 138 -24.52 4.57 12.82
C THR C 138 -24.11 5.98 12.44
N VAL C 139 -24.64 6.54 11.36
CA VAL C 139 -24.31 7.92 11.11
C VAL C 139 -25.03 8.89 12.05
N GLY C 140 -24.53 10.12 12.05
CA GLY C 140 -25.13 11.24 12.71
C GLY C 140 -25.53 12.29 11.68
N PRO C 141 -25.41 13.55 12.06
CA PRO C 141 -26.04 14.66 11.33
C PRO C 141 -25.38 14.98 10.03
N GLU C 142 -24.12 15.39 10.06
CA GLU C 142 -23.45 15.93 8.86
C GLU C 142 -22.98 14.83 7.94
N VAL C 143 -22.58 13.69 8.52
CA VAL C 143 -22.20 12.55 7.71
C VAL C 143 -23.39 12.24 6.84
N GLU C 144 -24.54 12.01 7.50
CA GLU C 144 -25.82 11.77 6.81
C GLU C 144 -26.25 12.97 5.94
N ALA C 145 -25.87 14.17 6.33
CA ALA C 145 -26.17 15.35 5.52
C ALA C 145 -25.33 15.37 4.27
N ALA C 146 -24.11 14.83 4.36
CA ALA C 146 -23.16 14.76 3.23
C ALA C 146 -23.37 13.50 2.35
N LEU C 147 -23.93 12.47 2.99
CA LEU C 147 -24.28 11.21 2.38
C LEU C 147 -25.25 11.63 1.28
N LYS C 148 -26.30 12.31 1.74
CA LYS C 148 -27.20 13.07 0.88
C LYS C 148 -26.49 13.93 -0.20
N LEU C 149 -25.38 14.57 0.16
CA LEU C 149 -24.66 15.50 -0.73
C LEU C 149 -23.88 14.88 -1.89
N MET C 150 -23.25 13.74 -1.63
CA MET C 150 -22.40 13.13 -2.63
C MET C 150 -23.24 12.31 -3.54
N GLU C 151 -24.30 11.73 -2.98
CA GLU C 151 -25.48 11.30 -3.76
C GLU C 151 -25.79 12.30 -4.91
N LYS C 152 -25.64 13.59 -4.67
CA LYS C 152 -25.95 14.59 -5.71
C LYS C 152 -24.74 14.97 -6.53
N ARG C 153 -23.55 14.60 -6.07
CA ARG C 153 -22.35 15.06 -6.74
C ARG C 153 -22.10 16.57 -6.47
N GLU C 154 -22.80 17.09 -5.48
CA GLU C 154 -22.69 18.50 -5.13
C GLU C 154 -21.96 18.45 -3.80
N TYR C 155 -20.83 17.73 -3.81
CA TYR C 155 -19.97 17.53 -2.64
C TYR C 155 -18.52 17.64 -3.02
N LYS C 156 -17.73 18.15 -2.11
CA LYS C 156 -16.45 18.76 -2.44
C LYS C 156 -15.72 18.91 -1.15
N PHE C 157 -14.41 18.76 -1.19
CA PHE C 157 -13.70 18.61 0.06
C PHE C 157 -12.22 18.95 0.01
N ALA C 158 -11.52 18.66 1.09
CA ALA C 158 -10.06 18.83 1.21
C ALA C 158 -9.39 17.72 2.03
N CYS C 159 -8.09 17.53 1.78
CA CYS C 159 -7.32 16.44 2.35
C CYS C 159 -6.26 16.97 3.35
N GLN C 160 -6.22 16.32 4.54
CA GLN C 160 -5.38 16.72 5.67
C GLN C 160 -4.02 15.96 5.70
N THR C 161 -3.08 16.53 4.98
CA THR C 161 -1.68 16.20 5.10
C THR C 161 -1.22 15.89 6.50
N PHE C 162 -0.41 14.86 6.62
CA PHE C 162 0.07 14.35 7.88
C PHE C 162 1.47 13.85 7.65
N LEU C 163 1.99 13.24 8.68
CA LEU C 163 3.35 12.80 8.64
C LEU C 163 3.39 11.51 9.39
N LYS C 164 4.16 10.60 8.80
CA LYS C 164 4.19 9.23 9.25
C LYS C 164 5.30 9.06 10.27
N ASP C 165 4.88 9.08 11.53
CA ASP C 165 5.72 8.80 12.68
C ASP C 165 5.97 7.32 12.57
N GLU C 166 7.12 7.03 11.97
CA GLU C 166 7.51 5.72 11.53
C GLU C 166 9.01 5.72 11.46
N ILE C 167 9.63 4.55 11.60
CA ILE C 167 11.07 4.39 11.35
C ILE C 167 11.40 4.38 9.88
N ARG C 168 12.62 4.80 9.60
CA ARG C 168 13.09 5.03 8.25
C ARG C 168 14.60 4.91 8.30
N PRO C 169 15.24 4.38 7.24
CA PRO C 169 16.71 4.36 7.22
C PRO C 169 17.25 5.76 7.57
N MET C 170 18.37 5.80 8.29
CA MET C 170 18.95 7.05 8.79
C MET C 170 19.14 8.14 7.72
N GLU C 171 19.38 7.74 6.49
CA GLU C 171 19.78 8.67 5.47
C GLU C 171 18.55 9.35 4.95
N LYS C 172 17.49 8.58 4.88
CA LYS C 172 16.21 9.07 4.36
C LYS C 172 15.69 10.13 5.33
N VAL C 173 15.92 9.86 6.60
CA VAL C 173 15.65 10.77 7.67
C VAL C 173 16.33 12.10 7.44
N ARG C 174 17.61 12.04 7.10
CA ARG C 174 18.46 13.20 7.00
C ARG C 174 18.17 13.94 5.74
N ALA C 175 17.69 13.23 4.73
CA ALA C 175 17.19 13.88 3.53
C ALA C 175 15.85 14.57 3.80
N GLY C 176 15.25 14.26 4.94
CA GLY C 176 13.92 14.73 5.29
C GLY C 176 12.87 14.08 4.41
N LYS C 177 12.94 12.75 4.29
CA LYS C 177 12.11 12.04 3.34
C LYS C 177 10.91 11.45 4.01
N THR C 178 10.37 12.15 5.00
CA THR C 178 9.19 11.71 5.74
C THR C 178 8.02 11.30 4.82
N ARG C 179 7.32 10.22 5.15
CA ARG C 179 6.16 9.87 4.33
C ARG C 179 4.88 10.60 4.76
N ILE C 180 4.18 11.11 3.76
CA ILE C 180 3.05 11.93 3.95
C ILE C 180 1.94 10.96 4.01
N VAL C 181 0.86 11.40 4.63
CA VAL C 181 -0.41 10.67 4.63
C VAL C 181 -1.49 11.72 4.42
N ASP C 182 -2.29 11.58 3.37
CA ASP C 182 -3.30 12.57 3.07
C ASP C 182 -4.59 11.96 3.46
N VAL C 183 -5.16 12.54 4.50
CA VAL C 183 -6.26 11.95 5.21
C VAL C 183 -7.47 12.53 4.61
N LEU C 184 -8.44 11.68 4.30
CA LEU C 184 -9.67 12.17 3.71
C LEU C 184 -10.76 12.35 4.77
N PRO C 185 -11.70 13.27 4.54
CA PRO C 185 -12.84 13.41 5.45
C PRO C 185 -13.55 12.09 5.49
N VAL C 186 -13.97 11.74 6.68
CA VAL C 186 -14.38 10.39 7.01
C VAL C 186 -15.67 10.01 6.34
N GLU C 187 -16.43 11.01 5.93
CA GLU C 187 -17.70 10.78 5.27
C GLU C 187 -17.30 10.17 3.94
N HIS C 188 -16.32 10.80 3.31
CA HIS C 188 -15.86 10.36 2.04
C HIS C 188 -15.48 8.87 2.15
N ILE C 189 -14.49 8.59 2.97
CA ILE C 189 -14.02 7.21 3.18
C ILE C 189 -15.15 6.21 3.34
N LEU C 190 -16.31 6.71 3.73
CA LEU C 190 -17.46 5.89 4.00
C LEU C 190 -18.25 5.69 2.71
N TYR C 191 -18.64 6.77 2.04
CA TYR C 191 -19.32 6.66 0.76
C TYR C 191 -18.55 5.70 -0.20
N THR C 192 -17.25 5.93 -0.36
CA THR C 192 -16.37 5.08 -1.13
C THR C 192 -16.56 3.61 -0.84
N ARG C 193 -16.59 3.23 0.44
CA ARG C 193 -16.83 1.83 0.77
C ARG C 193 -18.23 1.39 0.44
N MET C 194 -19.17 2.31 0.45
CA MET C 194 -20.48 1.95 -0.05
C MET C 194 -20.38 1.73 -1.55
N MET C 195 -19.80 2.69 -2.25
CA MET C 195 -19.79 2.63 -3.69
C MET C 195 -19.08 1.38 -4.15
N ILE C 196 -17.85 1.18 -3.66
CA ILE C 196 -17.00 0.07 -4.06
C ILE C 196 -16.59 -0.91 -2.94
N GLY C 197 -17.43 -1.08 -1.94
CA GLY C 197 -17.11 -2.00 -0.87
C GLY C 197 -17.20 -3.50 -1.14
N ARG C 198 -18.04 -3.90 -2.05
CA ARG C 198 -18.17 -5.31 -2.27
C ARG C 198 -17.13 -5.74 -3.25
N PHE C 199 -16.73 -4.81 -4.10
CA PHE C 199 -15.59 -5.04 -4.96
C PHE C 199 -14.35 -5.30 -4.13
N CYS C 200 -14.02 -4.39 -3.22
CA CYS C 200 -12.80 -4.54 -2.46
C CYS C 200 -12.83 -5.81 -1.61
N ALA C 201 -14.01 -6.23 -1.15
CA ALA C 201 -14.11 -7.47 -0.34
C ALA C 201 -13.65 -8.65 -1.18
N GLN C 202 -14.32 -8.79 -2.33
CA GLN C 202 -14.06 -9.83 -3.30
C GLN C 202 -12.57 -9.79 -3.76
N MET C 203 -12.04 -8.61 -3.99
CA MET C 203 -10.60 -8.48 -4.23
C MET C 203 -9.76 -9.16 -3.14
N HIS C 204 -10.08 -8.72 -1.91
CA HIS C 204 -9.33 -9.17 -0.73
C HIS C 204 -9.34 -10.69 -0.67
N SER C 205 -10.50 -11.29 -0.90
CA SER C 205 -10.66 -12.73 -0.76
C SER C 205 -10.48 -13.56 -2.03
N ASN C 206 -10.08 -12.94 -3.14
CA ASN C 206 -9.59 -13.73 -4.28
C ASN C 206 -8.17 -13.36 -4.66
N ASN C 207 -7.46 -12.64 -3.79
CA ASN C 207 -6.06 -12.38 -4.07
C ASN C 207 -5.36 -13.65 -4.50
N GLY C 208 -4.24 -13.46 -5.22
CA GLY C 208 -3.65 -14.46 -6.13
C GLY C 208 -3.13 -13.85 -7.44
N PRO C 209 -2.28 -14.55 -8.17
CA PRO C 209 -1.73 -14.02 -9.43
C PRO C 209 -2.79 -13.94 -10.50
N GLN C 210 -3.83 -14.72 -10.39
CA GLN C 210 -4.93 -14.63 -11.37
C GLN C 210 -5.43 -13.19 -11.50
N ILE C 211 -5.60 -12.49 -10.40
CA ILE C 211 -6.13 -11.11 -10.54
C ILE C 211 -4.99 -10.12 -10.36
N GLY C 212 -3.77 -10.65 -10.30
CA GLY C 212 -2.61 -9.85 -9.99
C GLY C 212 -2.58 -9.02 -8.71
N SER C 213 -3.46 -9.28 -7.75
CA SER C 213 -3.42 -8.53 -6.48
C SER C 213 -3.07 -9.44 -5.28
N ALA C 214 -2.19 -8.96 -4.44
CA ALA C 214 -1.94 -9.62 -3.16
C ALA C 214 -2.64 -8.91 -1.95
N VAL C 215 -3.40 -7.87 -2.22
CA VAL C 215 -4.10 -7.22 -1.13
C VAL C 215 -5.05 -8.25 -0.60
N GLY C 216 -5.20 -8.29 0.71
CA GLY C 216 -5.98 -9.32 1.41
C GLY C 216 -5.18 -10.51 1.92
N CYS C 217 -3.95 -10.59 1.54
CA CYS C 217 -3.24 -11.79 1.84
C CYS C 217 -2.54 -11.77 3.19
N ASN C 218 -2.07 -12.97 3.53
CA ASN C 218 -1.34 -13.30 4.74
C ASN C 218 0.06 -13.79 4.35
N PRO C 219 1.02 -12.89 4.28
CA PRO C 219 2.38 -13.19 3.82
C PRO C 219 2.91 -14.43 4.44
N ASP C 220 2.16 -14.99 5.37
CA ASP C 220 2.70 -16.01 6.19
C ASP C 220 2.23 -17.39 5.80
N VAL C 221 1.02 -17.52 5.23
CA VAL C 221 0.52 -18.77 4.57
C VAL C 221 0.51 -18.63 3.03
N ASP C 222 0.30 -17.39 2.57
CA ASP C 222 0.14 -17.12 1.16
C ASP C 222 1.49 -17.26 0.39
N TRP C 223 2.59 -17.06 1.10
CA TRP C 223 3.93 -17.21 0.53
C TRP C 223 4.18 -18.55 -0.17
N GLN C 224 3.41 -19.55 0.20
CA GLN C 224 3.57 -20.89 -0.32
C GLN C 224 2.80 -20.90 -1.60
N ARG C 225 1.56 -20.43 -1.59
CA ARG C 225 0.80 -20.35 -2.83
C ARG C 225 1.68 -19.73 -3.85
N PHE C 226 2.27 -18.61 -3.46
CA PHE C 226 2.93 -17.68 -4.38
C PHE C 226 4.28 -18.17 -4.80
N GLY C 227 5.13 -18.55 -3.86
CA GLY C 227 6.36 -19.19 -4.25
C GLY C 227 6.27 -20.33 -5.31
N THR C 228 5.36 -21.28 -5.19
CA THR C 228 5.33 -22.42 -6.15
C THR C 228 4.90 -21.94 -7.52
N HIS C 229 3.86 -21.13 -7.53
CA HIS C 229 3.44 -20.53 -8.76
C HIS C 229 4.64 -19.83 -9.44
N PHE C 230 5.29 -18.90 -8.78
CA PHE C 230 6.33 -18.13 -9.46
C PHE C 230 7.60 -18.88 -9.78
N ALA C 231 7.78 -20.04 -9.18
CA ALA C 231 8.91 -20.88 -9.55
C ALA C 231 8.59 -21.78 -10.77
N GLN C 232 7.38 -21.67 -11.32
CA GLN C 232 7.01 -22.35 -12.57
C GLN C 232 7.45 -21.58 -13.83
N TYR C 233 8.35 -20.60 -13.74
CA TYR C 233 8.64 -19.66 -14.85
C TYR C 233 10.13 -19.41 -15.00
N ARG C 234 10.57 -19.19 -16.23
CA ARG C 234 12.00 -19.14 -16.48
C ARG C 234 12.54 -17.79 -16.02
N ASN C 235 11.71 -16.75 -16.08
CA ASN C 235 12.13 -15.41 -15.65
C ASN C 235 11.20 -14.74 -14.67
N VAL C 236 11.77 -14.14 -13.62
CA VAL C 236 11.03 -13.41 -12.58
C VAL C 236 11.78 -12.14 -12.30
N TRP C 237 11.18 -10.98 -12.54
CA TRP C 237 11.79 -9.68 -12.22
C TRP C 237 11.20 -9.09 -10.94
N ASP C 238 12.03 -8.39 -10.17
CA ASP C 238 11.61 -7.62 -8.98
C ASP C 238 11.73 -6.20 -9.40
N VAL C 239 10.63 -5.55 -9.69
CA VAL C 239 10.64 -4.14 -10.15
C VAL C 239 10.42 -3.13 -9.03
N ASP C 240 11.05 -1.98 -9.13
CA ASP C 240 10.81 -0.88 -8.22
C ASP C 240 10.33 0.31 -9.01
N TYR C 241 9.21 0.87 -8.58
CA TYR C 241 8.77 2.18 -9.05
C TYR C 241 9.47 3.29 -8.26
N SER C 242 8.75 4.26 -7.73
CA SER C 242 9.35 5.49 -7.16
C SER C 242 8.36 6.60 -7.32
N ALA C 243 7.85 7.10 -6.21
CA ALA C 243 6.78 8.06 -6.33
C ALA C 243 5.57 7.45 -6.99
N PHE C 244 5.50 6.12 -7.07
CA PHE C 244 4.37 5.44 -7.75
C PHE C 244 3.06 6.17 -7.48
N ASP C 245 2.64 6.21 -6.21
CA ASP C 245 1.44 6.90 -5.75
C ASP C 245 1.19 8.29 -6.31
N ALA C 246 2.22 9.14 -6.31
CA ALA C 246 2.09 10.53 -6.77
C ALA C 246 2.15 10.77 -8.28
N ASN C 247 2.58 9.78 -9.04
CA ASN C 247 2.78 9.99 -10.45
C ASN C 247 1.72 9.32 -11.24
N HIS C 248 0.64 8.87 -10.59
CA HIS C 248 -0.48 8.31 -11.33
C HIS C 248 -1.00 9.48 -12.16
N CYS C 249 -0.66 9.54 -13.44
CA CYS C 249 -1.09 10.67 -14.26
C CYS C 249 -2.58 10.67 -14.30
N SER C 250 -3.11 11.87 -14.43
CA SER C 250 -4.53 12.21 -14.51
C SER C 250 -5.32 11.45 -15.57
N ASP C 251 -4.64 10.90 -16.53
CA ASP C 251 -5.32 10.33 -17.65
C ASP C 251 -5.39 8.84 -17.43
N ALA C 252 -4.27 8.26 -17.03
CA ALA C 252 -4.27 6.90 -16.53
C ALA C 252 -5.39 6.73 -15.51
N MET C 253 -5.54 7.68 -14.61
CA MET C 253 -6.48 7.52 -13.50
C MET C 253 -7.87 7.57 -13.99
N ASN C 254 -8.16 8.56 -14.80
CA ASN C 254 -9.53 8.71 -15.25
C ASN C 254 -9.94 7.57 -16.16
N ILE C 255 -9.01 6.85 -16.70
CA ILE C 255 -9.42 5.82 -17.62
C ILE C 255 -9.73 4.54 -16.89
N MET C 256 -8.84 4.11 -16.01
CA MET C 256 -9.12 2.96 -15.16
C MET C 256 -10.38 3.13 -14.32
N PHE C 257 -10.65 4.32 -13.84
CA PHE C 257 -11.89 4.54 -13.12
C PHE C 257 -13.10 4.28 -14.00
N GLU C 258 -13.04 4.85 -15.18
CA GLU C 258 -14.03 4.62 -16.21
C GLU C 258 -14.13 3.18 -16.70
N GLU C 259 -13.03 2.43 -16.70
CA GLU C 259 -13.03 1.09 -17.27
C GLU C 259 -13.28 -0.03 -16.31
N VAL C 260 -12.60 0.03 -15.17
CA VAL C 260 -12.90 -0.85 -14.05
C VAL C 260 -14.28 -0.71 -13.37
N PHE C 261 -14.78 0.52 -13.17
CA PHE C 261 -16.01 0.73 -12.37
C PHE C 261 -17.26 1.19 -13.07
N ARG C 262 -17.46 0.75 -14.31
CA ARG C 262 -18.64 1.12 -15.11
C ARG C 262 -19.89 0.62 -14.45
N THR C 263 -21.10 1.05 -14.80
CA THR C 263 -22.29 0.26 -14.37
C THR C 263 -22.54 -1.11 -15.05
N GLU C 264 -22.14 -1.30 -16.31
CA GLU C 264 -22.34 -2.60 -17.01
C GLU C 264 -21.73 -3.74 -16.14
N PHE C 265 -20.69 -3.49 -15.32
CA PHE C 265 -20.17 -4.50 -14.36
C PHE C 265 -20.82 -4.55 -12.95
N GLY C 266 -21.84 -3.77 -12.73
CA GLY C 266 -22.70 -3.99 -11.59
C GLY C 266 -22.69 -2.84 -10.62
N PHE C 267 -21.77 -1.90 -10.81
CA PHE C 267 -21.58 -0.77 -9.91
C PHE C 267 -22.75 0.23 -10.05
N HIS C 268 -22.70 1.24 -9.20
CA HIS C 268 -23.66 2.30 -9.11
C HIS C 268 -22.93 3.50 -9.77
N PRO C 269 -23.61 4.29 -10.61
CA PRO C 269 -22.96 5.31 -11.43
C PRO C 269 -22.07 6.22 -10.66
N ASN C 270 -22.27 6.33 -9.37
CA ASN C 270 -21.52 7.28 -8.59
C ASN C 270 -20.23 6.74 -8.06
N ALA C 271 -19.84 5.54 -8.49
CA ALA C 271 -18.60 4.95 -8.05
C ALA C 271 -17.50 5.56 -8.89
N GLU C 272 -17.77 5.87 -10.15
CA GLU C 272 -16.80 6.67 -10.86
C GLU C 272 -16.70 8.02 -10.19
N TRP C 273 -17.78 8.55 -9.65
CA TRP C 273 -17.73 9.90 -9.16
C TRP C 273 -16.78 10.04 -7.99
N ILE C 274 -17.11 9.40 -6.88
CA ILE C 274 -16.28 9.40 -5.68
C ILE C 274 -14.80 9.16 -6.04
N LEU C 275 -14.51 8.17 -6.88
CA LEU C 275 -13.18 7.91 -7.37
C LEU C 275 -12.51 9.11 -8.12
N LYS C 276 -13.17 9.72 -9.12
CA LYS C 276 -12.60 10.85 -9.84
C LYS C 276 -12.41 12.12 -8.93
N THR C 277 -13.04 12.14 -7.79
CA THR C 277 -12.77 13.26 -6.94
C THR C 277 -11.34 13.17 -6.45
N LEU C 278 -10.63 12.07 -6.76
CA LEU C 278 -9.31 11.84 -6.15
C LEU C 278 -8.15 12.34 -6.99
N VAL C 279 -8.47 12.76 -8.21
CA VAL C 279 -7.47 13.15 -9.19
C VAL C 279 -6.96 14.48 -8.74
N ASN C 280 -7.78 15.51 -8.91
CA ASN C 280 -7.40 16.90 -8.60
C ASN C 280 -7.83 17.12 -7.24
N THR C 281 -6.87 17.29 -6.33
CA THR C 281 -7.11 17.47 -4.90
C THR C 281 -6.67 18.81 -4.34
N GLU C 282 -7.09 19.08 -3.11
CA GLU C 282 -6.62 20.20 -2.30
C GLU C 282 -5.96 19.70 -1.02
N HIS C 283 -4.65 19.71 -0.95
CA HIS C 283 -3.97 19.24 0.25
C HIS C 283 -3.74 20.43 1.12
N ALA C 284 -4.40 20.51 2.26
CA ALA C 284 -4.07 21.48 3.31
C ALA C 284 -2.92 21.08 4.27
N TYR C 285 -1.67 21.41 3.91
CA TYR C 285 -0.54 21.39 4.88
C TYR C 285 -0.58 22.72 5.53
N GLU C 286 -1.13 22.75 6.73
CA GLU C 286 -1.04 23.93 7.57
C GLU C 286 -1.71 25.12 6.79
N ASN C 287 -1.25 26.34 6.99
CA ASN C 287 -1.69 27.55 6.22
C ASN C 287 -1.51 27.53 4.69
N LYS C 288 -0.66 26.63 4.21
CA LYS C 288 -0.48 26.39 2.78
C LYS C 288 -1.64 25.50 2.35
N ARG C 289 -2.62 26.03 1.64
CA ARG C 289 -3.55 25.20 0.85
C ARG C 289 -2.92 24.96 -0.50
N ILE C 290 -2.22 23.83 -0.59
CA ILE C 290 -1.60 23.31 -1.79
C ILE C 290 -2.71 22.63 -2.61
N THR C 291 -2.82 23.00 -3.89
CA THR C 291 -3.82 22.48 -4.85
C THR C 291 -3.11 21.70 -5.95
N VAL C 292 -3.48 20.43 -6.15
CA VAL C 292 -2.74 19.53 -7.03
C VAL C 292 -3.60 18.83 -8.07
N GLU C 293 -3.14 18.78 -9.31
CA GLU C 293 -3.75 17.92 -10.35
C GLU C 293 -2.86 16.71 -10.66
N GLY C 294 -3.42 15.50 -10.53
CA GLY C 294 -2.66 14.27 -10.69
C GLY C 294 -2.33 13.59 -9.36
N GLY C 295 -1.77 12.38 -9.47
CA GLY C 295 -1.43 11.58 -8.30
C GLY C 295 -2.62 11.02 -7.57
N MET C 296 -2.30 10.13 -6.67
CA MET C 296 -3.25 9.59 -5.75
C MET C 296 -2.99 10.22 -4.37
N PRO C 297 -4.03 10.41 -3.58
CA PRO C 297 -3.82 10.68 -2.17
C PRO C 297 -3.37 9.46 -1.30
N SER C 298 -2.08 9.15 -1.20
CA SER C 298 -1.65 8.09 -0.28
C SER C 298 -2.53 8.05 0.96
N GLY C 299 -3.36 7.01 1.11
CA GLY C 299 -4.19 6.80 2.29
C GLY C 299 -5.63 7.24 2.13
N CYS C 300 -5.96 7.66 0.91
CA CYS C 300 -7.34 7.83 0.46
C CYS C 300 -7.99 6.46 0.13
N SER C 301 -9.03 6.12 0.90
CA SER C 301 -9.78 4.82 0.83
C SER C 301 -9.49 3.93 -0.36
N ALA C 302 -9.45 2.63 -0.13
CA ALA C 302 -9.04 1.72 -1.15
C ALA C 302 -7.67 2.05 -1.77
N THR C 303 -6.93 2.99 -1.20
CA THR C 303 -5.67 3.46 -1.80
C THR C 303 -4.81 2.30 -2.38
N SER C 304 -4.77 1.16 -1.69
CA SER C 304 -3.97 0.02 -2.07
C SER C 304 -4.56 -0.76 -3.23
N ILE C 305 -5.88 -0.92 -3.25
CA ILE C 305 -6.56 -1.55 -4.39
C ILE C 305 -6.34 -0.80 -5.66
N ILE C 306 -6.62 0.50 -5.63
CA ILE C 306 -6.53 1.37 -6.78
C ILE C 306 -5.16 1.24 -7.38
N ASN C 307 -4.18 1.51 -6.54
CA ASN C 307 -2.79 1.45 -6.91
C ASN C 307 -2.34 0.08 -7.48
N THR C 308 -3.04 -0.97 -7.08
CA THR C 308 -2.81 -2.34 -7.52
C THR C 308 -3.45 -2.60 -8.85
N ILE C 309 -4.70 -2.22 -9.00
CA ILE C 309 -5.32 -2.29 -10.29
C ILE C 309 -4.42 -1.58 -11.32
N LEU C 310 -3.92 -0.39 -10.93
CA LEU C 310 -3.16 0.50 -11.79
C LEU C 310 -1.80 -0.04 -12.18
N ASN C 311 -1.11 -0.62 -11.24
CA ASN C 311 0.16 -1.27 -11.54
C ASN C 311 0.03 -2.33 -12.58
N ASN C 312 -1.06 -3.08 -12.52
CA ASN C 312 -1.40 -4.19 -13.36
C ASN C 312 -1.69 -3.72 -14.76
N ILE C 313 -2.37 -2.61 -14.91
CA ILE C 313 -2.72 -2.15 -16.24
C ILE C 313 -1.50 -1.47 -16.88
N TYR C 314 -0.58 -0.95 -16.06
CA TYR C 314 0.66 -0.31 -16.48
C TYR C 314 1.62 -1.31 -17.17
N VAL C 315 1.93 -2.38 -16.46
CA VAL C 315 2.74 -3.46 -17.00
C VAL C 315 2.13 -3.89 -18.31
N LEU C 316 0.85 -4.21 -18.34
CA LEU C 316 0.33 -4.72 -19.58
C LEU C 316 0.41 -3.68 -20.69
N TYR C 317 0.27 -2.41 -20.36
CA TYR C 317 0.36 -1.32 -21.35
C TYR C 317 1.79 -1.13 -21.83
N ALA C 318 2.78 -1.33 -20.95
CA ALA C 318 4.18 -1.23 -21.29
C ALA C 318 4.61 -2.42 -22.13
N LEU C 319 4.01 -3.58 -21.94
CA LEU C 319 4.34 -4.68 -22.78
C LEU C 319 3.63 -4.52 -24.10
N ARG C 320 2.40 -4.00 -24.06
CA ARG C 320 1.58 -3.91 -25.26
C ARG C 320 2.12 -2.85 -26.13
N ARG C 321 2.84 -1.88 -25.56
CA ARG C 321 3.39 -0.75 -26.30
C ARG C 321 4.81 -0.96 -26.78
N HIS C 322 5.26 -2.19 -26.84
CA HIS C 322 6.61 -2.44 -27.20
C HIS C 322 6.58 -3.63 -28.13
N TYR C 323 5.81 -4.67 -27.78
CA TYR C 323 5.48 -5.77 -28.70
C TYR C 323 4.00 -5.93 -29.07
N GLU C 324 3.79 -6.82 -30.05
CA GLU C 324 2.46 -7.16 -30.60
C GLU C 324 2.13 -8.62 -30.30
N GLY C 325 0.85 -8.89 -30.11
CA GLY C 325 0.38 -10.19 -29.63
C GLY C 325 0.48 -10.50 -28.14
N VAL C 326 0.79 -9.49 -27.31
CA VAL C 326 0.94 -9.67 -25.86
C VAL C 326 -0.41 -9.76 -25.21
N GLU C 327 -0.79 -10.89 -24.66
CA GLU C 327 -2.03 -10.98 -23.91
C GLU C 327 -1.74 -11.10 -22.43
N LEU C 328 -2.75 -11.12 -21.57
CA LEU C 328 -2.47 -11.32 -20.14
C LEU C 328 -1.66 -12.61 -19.79
N ASP C 329 -1.99 -13.72 -20.42
CA ASP C 329 -1.13 -14.90 -20.30
C ASP C 329 0.29 -14.75 -20.87
N THR C 330 0.61 -13.75 -21.66
CA THR C 330 2.02 -13.56 -21.99
C THR C 330 2.87 -13.67 -20.74
N TYR C 331 2.35 -13.19 -19.60
CA TYR C 331 3.05 -13.15 -18.30
C TYR C 331 2.13 -13.37 -17.13
N THR C 332 2.72 -13.21 -15.95
CA THR C 332 2.03 -13.33 -14.68
C THR C 332 2.63 -12.24 -13.77
N MET C 333 1.86 -11.80 -12.79
CA MET C 333 2.31 -10.75 -11.89
C MET C 333 1.48 -10.64 -10.64
N ILE C 334 2.11 -10.28 -9.54
CA ILE C 334 1.38 -9.96 -8.31
C ILE C 334 1.90 -8.63 -7.78
N SER C 335 1.02 -7.70 -7.44
CA SER C 335 1.40 -6.49 -6.71
C SER C 335 0.63 -6.22 -5.38
N TYR C 336 1.11 -5.24 -4.61
CA TYR C 336 0.46 -4.68 -3.45
C TYR C 336 0.78 -3.20 -3.55
N GLY C 337 -0.12 -2.44 -4.17
CA GLY C 337 0.15 -1.09 -4.69
C GLY C 337 1.49 -0.94 -5.38
N ASP C 338 2.37 -0.19 -4.74
CA ASP C 338 3.77 0.01 -5.13
C ASP C 338 4.54 -1.30 -5.50
N ASP C 339 4.55 -2.26 -4.59
CA ASP C 339 5.26 -3.52 -4.77
C ASP C 339 4.68 -4.35 -5.86
N ILE C 340 5.57 -5.03 -6.58
CA ILE C 340 5.20 -5.86 -7.72
C ILE C 340 6.25 -6.90 -7.99
N VAL C 341 5.86 -8.17 -8.06
CA VAL C 341 6.68 -9.21 -8.76
C VAL C 341 6.10 -9.62 -10.17
N VAL C 342 6.97 -9.74 -11.15
CA VAL C 342 6.54 -10.18 -12.47
C VAL C 342 7.29 -11.39 -12.87
N ALA C 343 6.66 -12.29 -13.60
CA ALA C 343 7.31 -13.46 -14.22
C ALA C 343 6.97 -13.70 -15.75
N SER C 344 7.92 -14.26 -16.53
CA SER C 344 7.72 -14.63 -17.95
C SER C 344 8.71 -15.61 -18.55
N ASP C 345 8.19 -16.49 -19.37
CA ASP C 345 9.01 -17.32 -20.23
C ASP C 345 9.50 -16.38 -21.33
N TYR C 346 8.69 -16.07 -22.33
CA TYR C 346 9.15 -15.09 -23.29
C TYR C 346 10.25 -14.33 -22.55
N ASP C 347 11.46 -14.32 -23.12
CA ASP C 347 12.63 -13.66 -22.54
C ASP C 347 12.48 -12.14 -22.67
N LEU C 348 11.64 -11.52 -21.85
CA LEU C 348 11.24 -10.10 -21.99
C LEU C 348 12.25 -9.06 -21.50
N ASP C 349 12.17 -7.89 -22.14
CA ASP C 349 13.12 -6.83 -21.88
C ASP C 349 12.50 -5.63 -21.18
N PHE C 350 13.02 -5.38 -19.97
CA PHE C 350 12.49 -4.43 -19.01
C PHE C 350 13.27 -3.14 -19.00
N GLU C 351 14.51 -3.17 -19.47
CA GLU C 351 15.17 -1.89 -19.78
C GLU C 351 14.66 -1.28 -21.10
N ALA C 352 13.80 -1.99 -21.80
CA ALA C 352 13.20 -1.46 -23.01
C ALA C 352 11.83 -0.87 -22.70
N LEU C 353 11.38 -1.15 -21.49
CA LEU C 353 10.10 -0.64 -21.05
C LEU C 353 10.31 0.70 -20.36
N LYS C 354 11.35 0.86 -19.52
CA LYS C 354 11.50 2.15 -18.79
C LYS C 354 10.82 3.32 -19.55
N PRO C 355 11.22 3.61 -20.78
CA PRO C 355 10.59 4.69 -21.57
C PRO C 355 9.09 4.59 -21.77
N HIS C 356 8.61 3.47 -22.28
CA HIS C 356 7.17 3.24 -22.38
C HIS C 356 6.47 3.51 -21.03
N PHE C 357 7.05 3.03 -19.93
CA PHE C 357 6.63 3.39 -18.58
C PHE C 357 6.75 4.89 -18.25
N LYS C 358 7.83 5.54 -18.65
CA LYS C 358 7.96 7.01 -18.50
C LYS C 358 6.87 7.79 -19.28
N SER C 359 6.20 7.15 -20.23
CA SER C 359 5.05 7.74 -20.91
C SER C 359 3.77 7.80 -20.08
N LEU C 360 3.82 7.29 -18.87
CA LEU C 360 2.74 7.42 -17.91
C LEU C 360 3.23 8.20 -16.69
N GLY C 361 4.50 8.62 -16.73
CA GLY C 361 5.08 9.44 -15.69
C GLY C 361 5.78 8.64 -14.61
N GLN C 362 6.05 7.35 -14.88
CA GLN C 362 6.51 6.38 -13.88
C GLN C 362 7.93 5.93 -14.12
N THR C 363 8.74 5.86 -13.09
CA THR C 363 10.11 5.49 -13.28
C THR C 363 10.48 4.13 -12.63
N ILE C 364 10.33 3.08 -13.42
CA ILE C 364 10.80 1.77 -13.01
C ILE C 364 12.33 1.76 -12.96
N THR C 365 12.89 0.84 -12.19
CA THR C 365 14.34 0.67 -12.06
C THR C 365 14.50 -0.66 -11.37
N PRO C 366 15.61 -1.37 -11.62
CA PRO C 366 15.81 -2.69 -11.01
C PRO C 366 15.83 -2.62 -9.50
N ALA C 367 15.65 -3.76 -8.87
CA ALA C 367 15.68 -3.83 -7.40
C ALA C 367 17.10 -3.97 -6.92
N ASP C 368 17.90 -4.76 -7.65
CA ASP C 368 19.33 -5.01 -7.37
C ASP C 368 20.15 -3.87 -8.03
N LYS C 369 19.87 -2.59 -7.70
CA LYS C 369 20.43 -1.41 -8.44
C LYS C 369 21.98 -1.35 -8.56
N SER C 370 22.65 -2.22 -7.80
CA SER C 370 24.10 -2.47 -7.88
C SER C 370 24.42 -3.51 -8.96
N ASP C 371 23.55 -3.59 -9.98
CA ASP C 371 23.96 -4.04 -11.31
C ASP C 371 23.90 -2.76 -12.17
N LYS C 372 22.76 -2.49 -12.78
CA LYS C 372 22.66 -1.42 -13.81
C LYS C 372 21.27 -1.53 -14.40
N GLY C 373 20.96 -2.72 -14.89
CA GLY C 373 19.70 -2.91 -15.58
C GLY C 373 19.09 -4.27 -15.47
N PHE C 374 17.83 -4.33 -15.87
CA PHE C 374 17.02 -5.51 -15.73
C PHE C 374 17.70 -6.66 -16.49
N VAL C 375 17.86 -7.79 -15.82
CA VAL C 375 18.53 -8.93 -16.38
C VAL C 375 17.59 -10.13 -16.38
N LEU C 376 17.97 -11.15 -17.11
CA LEU C 376 17.22 -12.41 -17.17
C LEU C 376 17.75 -13.40 -16.13
N GLY C 377 17.01 -14.47 -15.90
CA GLY C 377 17.43 -15.53 -15.03
C GLY C 377 16.77 -15.57 -13.66
N HIS C 378 16.88 -14.42 -12.96
CA HIS C 378 16.44 -14.24 -11.58
C HIS C 378 15.24 -15.12 -11.35
N SER C 379 15.31 -15.95 -10.32
CA SER C 379 14.18 -16.76 -9.90
C SER C 379 13.48 -16.05 -8.76
N ILE C 380 12.49 -16.70 -8.18
CA ILE C 380 11.77 -16.09 -7.10
C ILE C 380 12.47 -16.11 -5.73
N THR C 381 13.72 -16.53 -5.67
CA THR C 381 14.49 -16.53 -4.45
C THR C 381 15.56 -15.47 -4.50
N ASP C 382 15.43 -14.52 -5.40
CA ASP C 382 16.27 -13.34 -5.35
C ASP C 382 15.51 -12.07 -5.08
N VAL C 383 14.18 -12.17 -5.10
CA VAL C 383 13.28 -11.02 -5.04
C VAL C 383 12.81 -10.77 -3.61
N THR C 384 12.07 -9.68 -3.48
CA THR C 384 11.50 -9.19 -2.26
C THR C 384 10.06 -8.80 -2.61
N PHE C 385 9.13 -9.12 -1.75
CA PHE C 385 7.80 -8.67 -1.98
C PHE C 385 7.38 -8.42 -0.56
N LEU C 386 6.98 -7.18 -0.30
CA LEU C 386 6.56 -6.77 1.03
C LEU C 386 7.67 -6.91 2.06
N LYS C 387 8.90 -6.70 1.66
CA LYS C 387 9.98 -6.67 2.61
C LYS C 387 10.27 -8.08 3.13
N ARG C 388 9.86 -9.07 2.37
CA ARG C 388 10.15 -10.48 2.67
C ARG C 388 10.76 -11.22 1.44
N HIS C 389 11.86 -11.93 1.65
CA HIS C 389 12.44 -12.78 0.63
C HIS C 389 11.69 -14.10 0.65
N PHE C 390 11.70 -14.81 -0.47
CA PHE C 390 11.18 -16.18 -0.51
C PHE C 390 12.24 -17.21 -0.23
N HIS C 391 12.15 -17.88 0.92
CA HIS C 391 13.04 -19.03 1.25
C HIS C 391 12.21 -20.24 1.48
N MET C 392 12.83 -21.37 1.25
CA MET C 392 12.19 -22.63 1.50
C MET C 392 12.66 -23.03 2.88
N ASP C 393 11.76 -23.70 3.61
CA ASP C 393 11.94 -24.15 4.99
C ASP C 393 12.44 -25.58 5.04
N TYR C 394 13.58 -25.73 5.73
CA TYR C 394 14.23 -27.02 5.95
C TYR C 394 13.18 -28.02 6.32
N GLY C 395 12.68 -27.89 7.53
CA GLY C 395 11.81 -28.87 8.12
C GLY C 395 10.60 -29.27 7.34
N THR C 396 10.09 -28.46 6.42
CA THR C 396 8.81 -28.79 5.78
C THR C 396 8.82 -28.84 4.29
N GLY C 397 9.85 -28.32 3.65
CA GLY C 397 9.77 -28.09 2.21
C GLY C 397 8.77 -27.01 1.79
N PHE C 398 8.38 -26.11 2.70
CA PHE C 398 7.44 -25.05 2.38
C PHE C 398 8.19 -23.69 2.30
N TYR C 399 7.66 -22.78 1.49
CA TYR C 399 8.26 -21.44 1.31
C TYR C 399 7.90 -20.55 2.47
N LYS C 400 8.72 -19.54 2.73
CA LYS C 400 8.48 -18.73 3.86
C LYS C 400 9.11 -17.32 3.88
N PRO C 401 8.32 -16.34 4.33
CA PRO C 401 8.73 -14.93 4.24
C PRO C 401 9.84 -14.56 5.18
N VAL C 402 10.94 -14.04 4.72
CA VAL C 402 12.07 -13.80 5.60
C VAL C 402 12.53 -12.39 5.48
N MET C 403 12.60 -11.70 6.59
CA MET C 403 13.07 -10.33 6.54
C MET C 403 14.54 -10.24 6.96
N ALA C 404 15.28 -9.37 6.31
CA ALA C 404 16.63 -9.06 6.71
C ALA C 404 16.74 -8.75 8.21
N SER C 405 17.80 -9.24 8.83
CA SER C 405 17.97 -9.07 10.24
C SER C 405 18.04 -7.60 10.53
N LYS C 406 18.55 -6.83 9.58
CA LYS C 406 18.76 -5.41 9.81
C LYS C 406 17.42 -4.66 9.90
N THR C 407 16.40 -5.24 9.23
CA THR C 407 15.06 -4.72 9.30
C THR C 407 14.40 -5.12 10.60
N LEU C 408 14.35 -6.41 10.80
CA LEU C 408 13.85 -6.91 12.04
C LEU C 408 14.44 -6.20 13.25
N GLU C 409 15.73 -5.85 13.19
CA GLU C 409 16.43 -5.22 14.31
C GLU C 409 15.91 -3.80 14.48
N ALA C 410 15.76 -3.11 13.33
CA ALA C 410 15.15 -1.79 13.26
C ALA C 410 13.82 -1.73 13.97
N ILE C 411 12.95 -2.70 13.68
CA ILE C 411 11.59 -2.70 14.23
C ILE C 411 11.61 -2.85 15.73
N LEU C 412 12.60 -3.61 16.20
CA LEU C 412 12.79 -3.96 17.60
C LEU C 412 13.65 -2.93 18.36
N SER C 413 14.13 -1.88 17.72
CA SER C 413 14.72 -0.79 18.51
C SER C 413 13.76 0.27 18.99
N PHE C 414 12.54 0.34 18.49
CA PHE C 414 11.73 1.48 18.85
C PHE C 414 10.32 1.08 19.09
N ALA C 415 9.75 1.51 20.20
CA ALA C 415 8.36 1.22 20.46
C ALA C 415 7.71 2.47 20.95
N ARG C 416 6.39 2.60 20.74
CA ARG C 416 5.64 3.63 21.41
C ARG C 416 5.73 3.40 22.94
N ARG C 417 5.56 4.42 23.75
CA ARG C 417 5.65 4.22 25.22
C ARG C 417 4.81 3.03 25.68
N GLY C 418 5.43 2.15 26.45
CA GLY C 418 4.80 0.96 26.97
C GLY C 418 3.93 0.28 25.96
N THR C 419 4.60 -0.20 24.90
CA THR C 419 4.02 -1.13 23.92
C THR C 419 4.96 -2.33 23.76
N ILE C 420 6.16 -2.24 24.31
CA ILE C 420 7.22 -3.15 23.96
C ILE C 420 6.82 -4.62 24.05
N GLN C 421 5.97 -4.97 25.01
CA GLN C 421 5.64 -6.39 25.21
C GLN C 421 4.71 -6.87 24.08
N GLU C 422 3.67 -6.12 23.81
CA GLU C 422 2.78 -6.43 22.70
C GLU C 422 3.48 -6.48 21.32
N LYS C 423 4.28 -5.46 21.02
CA LYS C 423 4.95 -5.34 19.76
C LYS C 423 5.76 -6.58 19.54
N LEU C 424 6.43 -7.02 20.61
CA LEU C 424 7.35 -8.16 20.56
C LEU C 424 6.60 -9.43 20.16
N ILE C 425 5.37 -9.57 20.62
CA ILE C 425 4.62 -10.78 20.36
C ILE C 425 4.31 -10.81 18.88
N SER C 426 3.90 -9.65 18.41
CA SER C 426 3.70 -9.44 17.02
C SER C 426 4.99 -9.74 16.15
N VAL C 427 6.12 -9.10 16.46
CA VAL C 427 7.38 -9.33 15.74
C VAL C 427 7.95 -10.74 15.95
N ALA C 428 7.39 -11.47 16.90
CA ALA C 428 7.91 -12.79 17.18
C ALA C 428 7.63 -13.68 15.97
N GLY C 429 6.40 -13.63 15.50
CA GLY C 429 5.94 -14.39 14.36
C GLY C 429 6.42 -13.94 13.01
N LEU C 430 7.16 -12.83 12.98
CA LEU C 430 7.90 -12.45 11.77
C LEU C 430 9.28 -13.03 11.78
N ALA C 431 9.81 -13.19 12.98
CA ALA C 431 11.22 -13.53 13.13
C ALA C 431 11.37 -15.01 13.21
N VAL C 432 10.24 -15.71 13.23
CA VAL C 432 10.22 -17.18 13.28
C VAL C 432 10.98 -17.68 12.12
N HIS C 433 10.69 -17.10 10.97
CA HIS C 433 11.18 -17.65 9.72
C HIS C 433 12.62 -17.34 9.49
N SER C 434 13.31 -16.67 10.41
CA SER C 434 14.75 -16.43 10.33
C SER C 434 15.59 -17.54 11.01
N GLY C 435 14.93 -18.58 11.52
CA GLY C 435 15.60 -19.75 12.06
C GLY C 435 15.71 -19.61 13.55
N PRO C 436 16.18 -20.67 14.22
CA PRO C 436 16.24 -20.72 15.69
C PRO C 436 17.38 -19.92 16.26
N ASP C 437 18.53 -20.01 15.62
CA ASP C 437 19.74 -19.25 15.98
C ASP C 437 19.56 -17.73 15.97
N GLU C 438 19.02 -17.20 14.87
CA GLU C 438 18.83 -15.73 14.74
C GLU C 438 17.62 -15.25 15.52
N TYR C 439 16.48 -15.91 15.40
CA TYR C 439 15.38 -15.62 16.32
C TYR C 439 15.91 -15.31 17.74
N ARG C 440 16.87 -16.13 18.17
CA ARG C 440 17.48 -16.06 19.51
C ARG C 440 18.40 -14.85 19.69
N ARG C 441 19.28 -14.64 18.72
CA ARG C 441 20.19 -13.51 18.80
C ARG C 441 19.28 -12.28 18.85
N LEU C 442 18.40 -12.20 17.86
CA LEU C 442 17.43 -11.14 17.75
C LEU C 442 16.66 -10.83 19.00
N PHE C 443 16.59 -11.73 19.96
CA PHE C 443 15.80 -11.43 21.17
C PHE C 443 16.59 -11.41 22.51
N GLU C 444 17.91 -11.63 22.47
CA GLU C 444 18.74 -11.62 23.70
C GLU C 444 18.44 -10.37 24.56
N PRO C 445 18.47 -9.21 23.96
CA PRO C 445 18.13 -7.97 24.63
C PRO C 445 17.00 -8.00 25.64
N PHE C 446 15.93 -8.77 25.42
CA PHE C 446 14.72 -8.69 26.24
C PHE C 446 14.52 -9.78 27.24
N GLN C 447 15.43 -10.76 27.26
CA GLN C 447 15.39 -11.87 28.23
C GLN C 447 15.24 -11.45 29.67
N GLY C 448 14.46 -12.23 30.43
CA GLY C 448 14.25 -11.97 31.85
C GLY C 448 13.64 -10.60 32.10
N LEU C 449 13.27 -9.93 31.02
CA LEU C 449 12.80 -8.55 30.99
C LEU C 449 11.36 -8.53 30.45
N PHE C 450 11.18 -9.19 29.31
CA PHE C 450 9.86 -9.44 28.77
C PHE C 450 9.67 -10.92 28.47
N GLU C 451 8.40 -11.29 28.37
CA GLU C 451 7.99 -12.54 27.77
C GLU C 451 8.34 -12.67 26.27
N ILE C 452 8.95 -13.79 25.94
CA ILE C 452 9.39 -14.10 24.59
C ILE C 452 8.83 -15.45 24.20
N PRO C 453 7.91 -15.48 23.22
CA PRO C 453 7.41 -16.75 22.72
C PRO C 453 8.55 -17.71 22.33
N SER C 454 8.32 -18.98 22.60
CA SER C 454 9.35 -19.92 22.33
C SER C 454 9.37 -20.06 20.83
N TYR C 455 10.57 -20.17 20.29
CA TYR C 455 10.74 -20.48 18.90
C TYR C 455 9.90 -21.68 18.47
N ARG C 456 9.77 -22.65 19.35
CA ARG C 456 9.11 -23.87 18.94
C ARG C 456 7.60 -23.66 18.79
N SER C 457 6.97 -22.87 19.64
CA SER C 457 5.53 -22.72 19.56
C SER C 457 5.19 -21.88 18.33
N LEU C 458 6.12 -21.07 17.87
CA LEU C 458 5.83 -20.20 16.74
C LEU C 458 5.96 -21.00 15.50
N TYR C 459 6.81 -22.03 15.53
CA TYR C 459 7.03 -22.87 14.37
C TYR C 459 5.85 -23.74 14.14
N LEU C 460 5.32 -24.36 15.19
CA LEU C 460 4.21 -25.32 15.05
C LEU C 460 2.91 -24.59 14.78
N ARG C 461 2.80 -23.37 15.25
CA ARG C 461 1.75 -22.48 14.78
C ARG C 461 1.77 -22.32 13.26
N TRP C 462 2.93 -21.94 12.74
CA TRP C 462 3.13 -21.67 11.35
C TRP C 462 2.87 -22.90 10.53
N VAL C 463 3.55 -23.96 10.86
CA VAL C 463 3.31 -25.22 10.17
C VAL C 463 1.81 -25.57 10.12
N ASN C 464 1.05 -25.36 11.19
CA ASN C 464 -0.41 -25.56 11.13
C ASN C 464 -1.24 -24.62 10.25
N ALA C 465 -0.65 -23.49 9.86
CA ALA C 465 -1.32 -22.41 9.10
C ALA C 465 -1.18 -22.64 7.62
N VAL C 466 0.08 -22.91 7.26
CA VAL C 466 0.51 -23.11 5.91
C VAL C 466 -0.19 -24.30 5.28
N CYS C 467 -0.51 -25.31 6.07
CA CYS C 467 -1.17 -26.52 5.56
C CYS C 467 -1.34 -27.38 6.76
N GLY C 468 -2.46 -27.18 7.47
CA GLY C 468 -2.69 -27.88 8.70
C GLY C 468 -2.48 -29.39 8.72
N ASP C 469 -2.66 -30.05 7.57
CA ASP C 469 -2.66 -31.53 7.50
C ASP C 469 -1.24 -32.11 7.45
N ALA C 470 -0.24 -31.24 7.38
CA ALA C 470 1.16 -31.58 7.60
C ALA C 470 1.53 -31.49 9.09
N ALA C 471 0.86 -30.60 9.84
CA ALA C 471 0.88 -30.66 11.31
C ALA C 471 0.55 -32.07 11.67
N ALA C 472 -0.52 -32.53 11.06
CA ALA C 472 -1.00 -33.86 11.22
C ALA C 472 -0.15 -34.87 10.45
N LEU C 473 0.86 -34.41 9.69
CA LEU C 473 1.81 -35.32 9.03
C LEU C 473 3.10 -35.53 9.83
N GLU C 474 3.56 -34.53 10.59
CA GLU C 474 4.65 -34.74 11.55
C GLU C 474 4.21 -35.76 12.63
N HIS C 475 3.07 -36.44 12.40
CA HIS C 475 2.62 -37.61 13.21
C HIS C 475 2.86 -39.06 12.68
N HIS C 476 1.93 -39.60 11.88
CA HIS C 476 1.93 -41.06 11.61
C HIS C 476 3.21 -41.51 10.85
#